data_3EYZ
#
_entry.id   3EYZ
#
_cell.length_a   86.663
_cell.length_b   94.053
_cell.length_c   106.925
_cell.angle_alpha   90.000
_cell.angle_beta   90.000
_cell.angle_gamma   90.000
#
_symmetry.space_group_name_H-M   'P 21 21 21'
#
loop_
_entity.id
_entity.type
_entity.pdbx_description
1 polymer 'DNA polymerase I'
2 polymer "5'-D(*DCP*DCP*DTP*DGP*DAP*DCP*DTP*DCP*DGP*DC)-3'"
3 polymer "5'-D(*DAP*DTP*DGP*DCP*DGP*DAP*DGP*DTP*DCP*DAP*DGP*DGP*DA)-3'"
4 branched beta-D-fructofuranose-(2-1)-alpha-D-glucopyranose
5 non-polymer 'SULFATE ION'
6 water water
#
loop_
_entity_poly.entity_id
_entity_poly.type
_entity_poly.pdbx_seq_one_letter_code
_entity_poly.pdbx_strand_id
1 'polypeptide(L)'
;AKMAFTLADRVTEEMLADKAALVVEVVEENYHDAPIVGIAVVNEHGRFFLRPETALADPQFVAWLGDETKKKSMFDSKRA
AVALKWKGIELCGVSFDLLLAAYLLDPAQGVDDVAAAAKMKQYEAVRPDEAVYGKGAKRAVPDEPVLAEHLVRKAAAIWE
LERPFLDELRRNEQDRLLVELEQPLSSILAEMEFAGVKVDTKRLEQMGKELAEQLGTVEQRIYELAGQEFNINSPKQLGV
ILFEKLQLPVLKKTKTGYSTSADVLEKLAPYHEIVENILHYRQLGKLQSTYIEGLLKVVRPDTKKVHTIFNQALTQTGRL
SSTEPNLQNIPIRLEEGRKIRQAFVPSESDWLIFAADYSQIELRVLAHIAEDDNLMEAFRRDLDIHTKTAMDIFQVSEDE
VTPNMRRQAKAVNYGIVYGISDYGLAQNLNISRKEAAEFIERYFESFPGVKRYMENIVQEAKQKGYVTTLLHRRRYLPDI
TSRNFNVRSFAERMAMNTPIQGSAADIIKKAMIDLNARLKEERLQAHLLLQVHDELILEAPKEEMERLCRLVPEVMEQAV
TLRVPLKVDYHYGSTWYDAK
;
A
2 'polydeoxyribonucleotide' (DC)(DC)(DT)(DG)(DA)(DC)(DT)(DC)(DG)(DC) B
3 'polydeoxyribonucleotide' (DA)(DT)(DG)(DC)(DG)(DA)(DG)(DT)(DC)(DA)(DG)(DG)(DA) C
#
loop_
_chem_comp.id
_chem_comp.type
_chem_comp.name
_chem_comp.formula
DA DNA linking 2'-DEOXYADENOSINE-5'-MONOPHOSPHATE 'C10 H14 N5 O6 P'
DC DNA linking 2'-DEOXYCYTIDINE-5'-MONOPHOSPHATE 'C9 H14 N3 O7 P'
DG DNA linking 2'-DEOXYGUANOSINE-5'-MONOPHOSPHATE 'C10 H14 N5 O7 P'
DT DNA linking THYMIDINE-5'-MONOPHOSPHATE 'C10 H15 N2 O8 P'
FRU D-saccharide, beta linking beta-D-fructofuranose 'C6 H12 O6'
GLC D-saccharide, alpha linking alpha-D-glucopyranose 'C6 H12 O6'
SO4 non-polymer 'SULFATE ION' 'O4 S -2'
#
# COMPACT_ATOMS: atom_id res chain seq x y z
N ALA A 1 26.16 2.11 32.74
CA ALA A 1 25.49 2.64 31.51
C ALA A 1 23.98 2.48 31.61
N LYS A 2 23.54 1.67 32.59
CA LYS A 2 22.12 1.42 32.80
C LYS A 2 21.30 2.69 32.97
N MET A 3 20.02 2.60 32.60
CA MET A 3 19.13 3.74 32.71
C MET A 3 18.22 3.57 33.92
N ALA A 4 18.14 4.62 34.74
CA ALA A 4 17.32 4.61 35.93
C ALA A 4 15.83 4.72 35.63
N PHE A 5 15.04 3.89 36.29
CA PHE A 5 13.60 3.91 36.11
C PHE A 5 12.89 3.20 37.24
N THR A 6 11.63 3.54 37.43
CA THR A 6 10.82 2.95 38.48
C THR A 6 10.03 1.77 37.95
N LEU A 7 10.28 0.59 38.50
CA LEU A 7 9.55 -0.60 38.11
C LEU A 7 8.35 -0.60 39.05
N ALA A 8 7.33 0.16 38.69
CA ALA A 8 6.12 0.32 39.49
C ALA A 8 5.24 -0.90 39.66
N ASP A 9 4.72 -1.07 40.87
CA ASP A 9 3.83 -2.18 41.20
C ASP A 9 2.40 -1.70 41.08
N ARG A 10 2.22 -0.38 41.22
CA ARG A 10 0.90 0.23 41.15
C ARG A 10 0.99 1.53 40.35
N VAL A 11 -0.14 1.96 39.78
CA VAL A 11 -0.17 3.18 38.99
C VAL A 11 -0.32 4.39 39.92
N THR A 12 0.49 5.42 39.71
CA THR A 12 0.42 6.61 40.54
C THR A 12 0.08 7.85 39.73
N GLU A 13 -0.19 8.95 40.44
CA GLU A 13 -0.55 10.22 39.84
C GLU A 13 0.49 10.83 38.90
N GLU A 14 1.77 10.75 39.26
CA GLU A 14 2.81 11.33 38.43
C GLU A 14 3.01 10.57 37.12
N MET A 15 2.43 9.38 37.03
CA MET A 15 2.53 8.59 35.81
C MET A 15 1.47 9.09 34.83
N LEU A 16 0.61 9.98 35.29
CA LEU A 16 -0.46 10.49 34.45
C LEU A 16 -0.35 11.96 34.09
N ALA A 17 0.87 12.42 33.82
CA ALA A 17 1.08 13.81 33.42
C ALA A 17 0.36 14.03 32.10
N ASP A 18 0.11 15.28 31.75
CA ASP A 18 -0.58 15.61 30.51
C ASP A 18 0.31 15.59 29.28
N LYS A 19 1.53 15.12 29.44
CA LYS A 19 2.49 15.04 28.34
C LYS A 19 3.41 13.88 28.66
N ALA A 20 3.52 12.92 27.75
CA ALA A 20 4.37 11.77 28.02
C ALA A 20 4.74 10.94 26.81
N ALA A 21 5.88 10.27 26.89
CA ALA A 21 6.31 9.38 25.83
C ALA A 21 5.75 8.05 26.33
N LEU A 22 4.99 7.36 25.49
CA LEU A 22 4.35 6.11 25.87
C LEU A 22 4.72 4.93 25.00
N VAL A 23 4.97 3.79 25.65
CA VAL A 23 5.29 2.55 24.95
C VAL A 23 4.34 1.46 25.45
N VAL A 24 3.56 0.92 24.53
CA VAL A 24 2.61 -0.16 24.83
C VAL A 24 3.10 -1.24 23.87
N GLU A 25 3.98 -2.10 24.38
CA GLU A 25 4.60 -3.13 23.58
C GLU A 25 3.77 -4.35 23.19
N VAL A 26 3.81 -4.64 21.88
CA VAL A 26 3.14 -5.80 21.31
C VAL A 26 4.26 -6.41 20.49
N VAL A 27 4.79 -7.55 20.93
CA VAL A 27 5.90 -8.19 20.23
C VAL A 27 5.48 -9.00 19.00
N GLU A 28 4.26 -9.54 19.01
CA GLU A 28 3.78 -10.31 17.86
C GLU A 28 3.71 -9.38 16.65
N GLU A 29 4.25 -9.81 15.51
CA GLU A 29 4.22 -8.97 14.32
C GLU A 29 2.79 -8.60 13.94
N ASN A 30 1.88 -9.58 13.95
CA ASN A 30 0.48 -9.31 13.65
C ASN A 30 -0.11 -8.97 15.01
N TYR A 31 -0.39 -7.69 15.25
CA TYR A 31 -0.91 -7.25 16.53
C TYR A 31 -2.40 -7.43 16.81
N HIS A 32 -3.13 -8.07 15.90
CA HIS A 32 -4.56 -8.29 16.10
C HIS A 32 -4.85 -9.30 17.22
N ASP A 33 -5.52 -8.82 18.27
CA ASP A 33 -5.87 -9.66 19.43
C ASP A 33 -4.59 -10.27 20.00
N ALA A 34 -3.51 -9.50 19.95
CA ALA A 34 -2.21 -9.94 20.43
C ALA A 34 -1.97 -9.44 21.83
N PRO A 35 -1.05 -10.08 22.56
CA PRO A 35 -0.71 -9.69 23.93
C PRO A 35 0.08 -8.40 24.01
N ILE A 36 -0.14 -7.65 25.08
CA ILE A 36 0.61 -6.42 25.34
C ILE A 36 1.52 -6.95 26.46
N VAL A 37 2.82 -6.98 26.21
CA VAL A 37 3.78 -7.53 27.17
C VAL A 37 4.42 -6.57 28.16
N GLY A 38 4.11 -5.29 28.06
CA GLY A 38 4.68 -4.33 28.97
C GLY A 38 4.38 -2.91 28.58
N ILE A 39 4.46 -2.01 29.54
CA ILE A 39 4.19 -0.61 29.31
C ILE A 39 5.28 0.24 29.95
N ALA A 40 5.66 1.31 29.25
CA ALA A 40 6.67 2.23 29.74
C ALA A 40 6.19 3.65 29.51
N VAL A 41 6.41 4.49 30.51
CA VAL A 41 6.00 5.88 30.44
C VAL A 41 7.16 6.73 30.88
N VAL A 42 7.46 7.77 30.11
CA VAL A 42 8.51 8.69 30.46
C VAL A 42 7.88 10.08 30.36
N ASN A 43 7.99 10.84 31.43
CA ASN A 43 7.44 12.19 31.44
C ASN A 43 8.30 13.10 32.31
N GLU A 44 7.76 14.27 32.62
CA GLU A 44 8.43 15.28 33.43
C GLU A 44 8.92 14.75 34.78
N HIS A 45 8.16 13.82 35.36
CA HIS A 45 8.48 13.26 36.67
C HIS A 45 9.46 12.08 36.69
N GLY A 46 9.67 11.43 35.55
CA GLY A 46 10.59 10.31 35.53
C GLY A 46 10.27 9.24 34.51
N ARG A 47 10.86 8.08 34.69
CA ARG A 47 10.66 6.94 33.78
C ARG A 47 10.02 5.80 34.54
N PHE A 48 8.99 5.19 33.96
CA PHE A 48 8.28 4.10 34.62
C PHE A 48 7.99 2.89 33.74
N PHE A 49 7.99 1.72 34.37
CA PHE A 49 7.64 0.50 33.68
C PHE A 49 6.44 -0.08 34.43
N LEU A 50 5.38 -0.37 33.70
CA LEU A 50 4.17 -0.91 34.30
C LEU A 50 3.85 -2.24 33.68
N ARG A 51 3.41 -3.19 34.50
CA ARG A 51 3.03 -4.49 33.98
C ARG A 51 1.64 -4.26 33.40
N PRO A 52 1.37 -4.82 32.20
CA PRO A 52 0.06 -4.64 31.56
C PRO A 52 -1.15 -5.03 32.39
N GLU A 53 -1.10 -6.22 33.00
CA GLU A 53 -2.21 -6.69 33.83
C GLU A 53 -2.60 -5.61 34.85
N THR A 54 -1.59 -4.99 35.44
CA THR A 54 -1.79 -3.94 36.44
C THR A 54 -2.34 -2.65 35.83
N ALA A 55 -1.59 -2.09 34.88
CA ALA A 55 -1.99 -0.83 34.24
C ALA A 55 -3.35 -0.84 33.56
N LEU A 56 -3.59 -1.85 32.73
CA LEU A 56 -4.86 -1.92 32.01
C LEU A 56 -6.08 -2.27 32.87
N ALA A 57 -5.85 -2.56 34.15
CA ALA A 57 -6.95 -2.89 35.05
C ALA A 57 -7.24 -1.66 35.91
N ASP A 58 -6.32 -0.70 35.89
CA ASP A 58 -6.47 0.52 36.66
C ASP A 58 -7.36 1.51 35.92
N PRO A 59 -8.53 1.84 36.49
CA PRO A 59 -9.43 2.80 35.82
C PRO A 59 -8.79 4.16 35.58
N GLN A 60 -7.84 4.53 36.44
CA GLN A 60 -7.15 5.80 36.31
C GLN A 60 -6.26 5.83 35.07
N PHE A 61 -5.52 4.75 34.86
CA PHE A 61 -4.63 4.65 33.70
C PHE A 61 -5.47 4.61 32.44
N VAL A 62 -6.44 3.70 32.41
CA VAL A 62 -7.33 3.55 31.27
C VAL A 62 -7.95 4.89 30.89
N ALA A 63 -8.37 5.67 31.89
CA ALA A 63 -8.98 6.97 31.59
C ALA A 63 -7.93 7.90 30.98
N TRP A 64 -6.71 7.82 31.50
CA TRP A 64 -5.61 8.65 31.00
C TRP A 64 -5.38 8.31 29.52
N LEU A 65 -5.33 7.02 29.21
CA LEU A 65 -5.14 6.55 27.84
C LEU A 65 -6.19 7.15 26.91
N GLY A 66 -7.44 7.21 27.37
CA GLY A 66 -8.52 7.73 26.55
C GLY A 66 -8.77 9.22 26.63
N ASP A 67 -7.97 9.93 27.43
CA ASP A 67 -8.15 11.37 27.57
C ASP A 67 -7.39 12.09 26.45
N GLU A 68 -8.15 12.65 25.52
CA GLU A 68 -7.59 13.36 24.39
C GLU A 68 -6.72 14.56 24.79
N THR A 69 -6.93 15.08 26.00
CA THR A 69 -6.14 16.24 26.46
C THR A 69 -4.77 15.84 27.01
N LYS A 70 -4.59 14.55 27.32
CA LYS A 70 -3.32 14.04 27.81
C LYS A 70 -2.55 13.59 26.57
N LYS A 71 -1.52 14.35 26.20
CA LYS A 71 -0.74 14.07 25.00
C LYS A 71 0.33 13.00 25.10
N LYS A 72 0.32 12.08 24.14
CA LYS A 72 1.30 11.01 24.12
C LYS A 72 2.16 11.03 22.86
N SER A 73 3.44 10.72 23.04
CA SER A 73 4.38 10.61 21.93
C SER A 73 4.68 9.12 21.91
N MET A 74 4.60 8.52 20.73
CA MET A 74 4.83 7.08 20.63
C MET A 74 5.54 6.71 19.34
N PHE A 75 5.78 5.41 19.19
CA PHE A 75 6.36 4.86 17.98
C PHE A 75 5.35 3.83 17.46
N ASP A 76 4.78 4.06 16.29
CA ASP A 76 3.81 3.13 15.71
C ASP A 76 2.59 3.04 16.61
N SER A 77 1.92 4.17 16.80
CA SER A 77 0.74 4.22 17.64
C SER A 77 -0.41 3.32 17.13
N LYS A 78 -0.47 3.06 15.83
CA LYS A 78 -1.55 2.22 15.30
C LYS A 78 -1.50 0.80 15.90
N ARG A 79 -0.31 0.26 16.03
CA ARG A 79 -0.13 -1.07 16.62
C ARG A 79 -0.73 -1.11 18.03
N ALA A 80 -0.38 -0.13 18.87
CA ALA A 80 -0.89 -0.08 20.24
C ALA A 80 -2.39 0.18 20.27
N ALA A 81 -2.83 1.12 19.44
CA ALA A 81 -4.25 1.45 19.39
C ALA A 81 -5.11 0.25 19.02
N VAL A 82 -4.67 -0.54 18.05
CA VAL A 82 -5.44 -1.70 17.64
C VAL A 82 -5.40 -2.79 18.70
N ALA A 83 -4.22 -3.06 19.26
CA ALA A 83 -4.10 -4.08 20.30
C ALA A 83 -4.99 -3.71 21.48
N LEU A 84 -5.08 -2.40 21.75
CA LEU A 84 -5.93 -1.92 22.83
C LEU A 84 -7.42 -2.05 22.46
N LYS A 85 -7.76 -1.80 21.19
CA LYS A 85 -9.16 -1.94 20.76
C LYS A 85 -9.67 -3.35 21.03
N TRP A 86 -8.81 -4.35 20.78
CA TRP A 86 -9.21 -5.74 21.01
C TRP A 86 -9.50 -6.03 22.48
N LYS A 87 -9.00 -5.17 23.37
CA LYS A 87 -9.23 -5.31 24.81
C LYS A 87 -10.26 -4.27 25.25
N GLY A 88 -11.01 -3.73 24.28
CA GLY A 88 -12.01 -2.74 24.59
C GLY A 88 -11.52 -1.47 25.27
N ILE A 89 -10.27 -1.08 24.99
CA ILE A 89 -9.68 0.12 25.57
C ILE A 89 -9.33 1.15 24.47
N GLU A 90 -9.72 2.40 24.68
CA GLU A 90 -9.45 3.45 23.69
C GLU A 90 -8.18 4.24 23.96
N LEU A 91 -7.40 4.46 22.90
CA LEU A 91 -6.17 5.23 23.00
C LEU A 91 -6.42 6.55 22.29
N CYS A 92 -6.28 7.66 23.00
CA CYS A 92 -6.49 8.98 22.41
C CYS A 92 -5.35 9.92 22.78
N GLY A 93 -5.28 11.05 22.11
CA GLY A 93 -4.27 12.05 22.42
C GLY A 93 -2.86 11.82 21.92
N VAL A 94 -2.69 10.91 20.96
CA VAL A 94 -1.37 10.68 20.44
C VAL A 94 -1.08 11.88 19.53
N SER A 95 -0.17 12.75 19.95
CA SER A 95 0.13 13.92 19.17
C SER A 95 1.41 13.82 18.34
N PHE A 96 2.19 12.76 18.54
CA PHE A 96 3.43 12.56 17.79
C PHE A 96 3.78 11.08 17.68
N ASP A 97 3.95 10.62 16.43
CA ASP A 97 4.30 9.24 16.16
C ASP A 97 5.67 9.21 15.47
N LEU A 98 6.71 8.85 16.21
CA LEU A 98 8.06 8.80 15.67
C LEU A 98 8.21 7.94 14.41
N LEU A 99 7.45 6.85 14.30
CA LEU A 99 7.56 6.02 13.10
C LEU A 99 7.13 6.80 11.87
N LEU A 100 6.01 7.51 11.97
CA LEU A 100 5.52 8.29 10.83
C LEU A 100 6.43 9.48 10.56
N ALA A 101 6.96 10.10 11.62
CA ALA A 101 7.85 11.24 11.47
C ALA A 101 9.13 10.79 10.75
N ALA A 102 9.67 9.64 11.15
CA ALA A 102 10.87 9.11 10.51
C ALA A 102 10.58 8.80 9.04
N TYR A 103 9.44 8.18 8.80
CA TYR A 103 9.03 7.81 7.45
C TYR A 103 8.96 9.00 6.49
N LEU A 104 8.39 10.11 6.96
CA LEU A 104 8.27 11.30 6.14
C LEU A 104 9.62 11.92 5.87
N LEU A 105 10.51 11.92 6.87
CA LEU A 105 11.83 12.51 6.67
C LEU A 105 12.63 11.77 5.62
N ASP A 106 12.56 10.44 5.64
CA ASP A 106 13.27 9.66 4.64
C ASP A 106 12.73 8.23 4.55
N PRO A 107 11.79 7.99 3.62
CA PRO A 107 11.17 6.68 3.41
C PRO A 107 12.20 5.59 3.09
N ALA A 108 13.31 5.98 2.47
CA ALA A 108 14.35 5.04 2.08
C ALA A 108 15.09 4.37 3.23
N GLN A 109 15.12 5.01 4.40
CA GLN A 109 15.81 4.43 5.54
C GLN A 109 15.22 3.11 6.02
N GLY A 110 13.94 2.90 5.78
CA GLY A 110 13.30 1.67 6.21
C GLY A 110 13.20 1.52 7.71
N VAL A 111 12.96 2.65 8.40
CA VAL A 111 12.84 2.65 9.85
C VAL A 111 11.68 1.77 10.30
N ASP A 112 11.98 0.72 11.06
CA ASP A 112 10.94 -0.18 11.55
C ASP A 112 11.00 -0.35 13.07
N ASP A 113 11.96 0.32 13.71
CA ASP A 113 12.02 0.29 15.16
C ASP A 113 12.58 1.60 15.68
N VAL A 114 12.38 1.83 16.97
CA VAL A 114 12.85 3.05 17.59
C VAL A 114 14.35 3.27 17.40
N ALA A 115 15.14 2.20 17.56
CA ALA A 115 16.59 2.33 17.40
C ALA A 115 16.98 2.90 16.04
N ALA A 116 16.35 2.43 14.97
CA ALA A 116 16.66 2.91 13.62
C ALA A 116 16.30 4.39 13.45
N ALA A 117 15.19 4.79 14.05
CA ALA A 117 14.76 6.18 13.96
C ALA A 117 15.72 7.04 14.77
N ALA A 118 16.08 6.56 15.95
CA ALA A 118 16.99 7.29 16.83
C ALA A 118 18.36 7.51 16.17
N LYS A 119 18.81 6.52 15.42
CA LYS A 119 20.09 6.59 14.76
C LYS A 119 20.15 7.78 13.80
N MET A 120 19.01 8.15 13.23
CA MET A 120 18.96 9.29 12.30
C MET A 120 19.45 10.58 12.97
N LYS A 121 19.41 10.63 14.30
CA LYS A 121 19.86 11.81 15.03
C LYS A 121 21.04 11.50 15.94
N GLN A 122 21.85 10.50 15.58
CA GLN A 122 23.03 10.14 16.37
C GLN A 122 22.67 9.74 17.81
N TYR A 123 21.48 9.21 18.01
CA TYR A 123 21.06 8.77 19.34
C TYR A 123 21.17 7.26 19.34
N GLU A 124 22.03 6.71 20.19
CA GLU A 124 22.20 5.26 20.21
C GLU A 124 22.01 4.55 21.55
N ALA A 125 21.43 5.23 22.53
CA ALA A 125 21.21 4.64 23.85
C ALA A 125 19.94 3.81 23.91
N VAL A 126 19.70 3.05 22.85
CA VAL A 126 18.53 2.17 22.75
C VAL A 126 18.89 1.02 21.81
N ARG A 127 18.46 -0.18 22.15
CA ARG A 127 18.77 -1.33 21.32
C ARG A 127 17.69 -1.60 20.28
N PRO A 128 18.07 -2.22 19.15
CA PRO A 128 17.06 -2.53 18.12
C PRO A 128 16.24 -3.70 18.66
N ASP A 129 14.93 -3.68 18.40
CA ASP A 129 14.05 -4.74 18.87
C ASP A 129 14.55 -6.13 18.53
N GLU A 130 15.09 -6.30 17.34
CA GLU A 130 15.58 -7.60 16.90
C GLU A 130 16.68 -8.13 17.82
N ALA A 131 17.52 -7.23 18.35
CA ALA A 131 18.59 -7.65 19.24
C ALA A 131 18.03 -8.08 20.58
N VAL A 132 16.84 -7.59 20.92
CA VAL A 132 16.24 -7.94 22.20
C VAL A 132 15.30 -9.13 22.12
N TYR A 133 14.43 -9.14 21.11
CA TYR A 133 13.45 -10.21 20.95
C TYR A 133 13.89 -11.35 20.05
N GLY A 134 14.88 -11.09 19.20
CA GLY A 134 15.34 -12.12 18.29
C GLY A 134 14.37 -12.16 17.13
N LYS A 135 14.59 -13.07 16.17
CA LYS A 135 13.69 -13.16 15.03
C LYS A 135 13.36 -14.60 14.65
N GLY A 136 12.14 -14.79 14.14
CA GLY A 136 11.70 -16.11 13.72
C GLY A 136 11.54 -17.12 14.84
N ALA A 137 12.05 -18.32 14.60
CA ALA A 137 11.97 -19.42 15.55
C ALA A 137 12.55 -19.10 16.92
N LYS A 138 13.46 -18.12 16.98
CA LYS A 138 14.08 -17.74 18.25
C LYS A 138 13.46 -16.52 18.89
N ARG A 139 12.53 -15.86 18.21
CA ARG A 139 11.90 -14.68 18.77
C ARG A 139 11.15 -15.01 20.05
N ALA A 140 11.29 -14.17 21.06
CA ALA A 140 10.63 -14.38 22.34
C ALA A 140 10.83 -13.20 23.28
N VAL A 141 9.87 -13.00 24.18
CA VAL A 141 9.94 -11.90 25.15
C VAL A 141 10.95 -12.22 26.25
N PRO A 142 11.90 -11.31 26.50
CA PRO A 142 12.93 -11.48 27.53
C PRO A 142 12.35 -11.40 28.94
N ASP A 143 13.17 -11.70 29.94
CA ASP A 143 12.73 -11.64 31.33
C ASP A 143 12.39 -10.19 31.65
N GLU A 144 11.55 -9.99 32.66
CA GLU A 144 11.13 -8.64 33.04
C GLU A 144 12.24 -7.59 33.16
N PRO A 145 13.39 -7.96 33.75
CA PRO A 145 14.48 -6.98 33.87
C PRO A 145 14.96 -6.46 32.51
N VAL A 146 15.25 -7.39 31.60
CA VAL A 146 15.72 -7.04 30.27
C VAL A 146 14.62 -6.29 29.50
N LEU A 147 13.39 -6.79 29.59
CA LEU A 147 12.26 -6.19 28.90
C LEU A 147 11.99 -4.76 29.36
N ALA A 148 11.90 -4.58 30.68
CA ALA A 148 11.64 -3.27 31.26
C ALA A 148 12.66 -2.21 30.89
N GLU A 149 13.94 -2.58 30.86
CA GLU A 149 14.95 -1.61 30.50
C GLU A 149 14.83 -1.25 29.02
N HIS A 150 14.52 -2.23 28.19
CA HIS A 150 14.37 -1.98 26.76
C HIS A 150 13.21 -1.03 26.48
N LEU A 151 12.06 -1.27 27.12
CA LEU A 151 10.90 -0.41 26.89
C LEU A 151 11.13 1.01 27.41
N VAL A 152 11.81 1.14 28.54
CA VAL A 152 12.07 2.48 29.09
C VAL A 152 13.06 3.23 28.19
N ARG A 153 14.05 2.53 27.66
CA ARG A 153 15.02 3.16 26.76
C ARG A 153 14.32 3.64 25.49
N LYS A 154 13.33 2.88 25.02
CA LYS A 154 12.60 3.29 23.83
C LYS A 154 11.77 4.53 24.15
N ALA A 155 11.04 4.49 25.28
CA ALA A 155 10.25 5.65 25.69
C ALA A 155 11.17 6.85 25.89
N ALA A 156 12.34 6.62 26.48
CA ALA A 156 13.31 7.69 26.72
C ALA A 156 13.76 8.31 25.39
N ALA A 157 13.99 7.46 24.39
CA ALA A 157 14.43 7.93 23.08
C ALA A 157 13.34 8.80 22.47
N ILE A 158 12.11 8.29 22.47
CA ILE A 158 10.98 9.02 21.92
C ILE A 158 10.86 10.38 22.60
N TRP A 159 10.95 10.39 23.92
CA TRP A 159 10.86 11.62 24.70
C TRP A 159 11.92 12.63 24.25
N GLU A 160 13.12 12.13 23.96
CA GLU A 160 14.24 12.97 23.53
C GLU A 160 14.22 13.39 22.05
N LEU A 161 13.75 12.50 21.19
CA LEU A 161 13.73 12.76 19.75
C LEU A 161 12.55 13.52 19.16
N GLU A 162 11.50 13.72 19.92
CA GLU A 162 10.33 14.41 19.40
C GLU A 162 10.65 15.81 18.85
N ARG A 163 11.27 16.65 19.67
CA ARG A 163 11.59 18.01 19.25
C ARG A 163 12.50 18.06 18.01
N PRO A 164 13.59 17.27 18.00
CA PRO A 164 14.49 17.27 16.85
C PRO A 164 13.76 16.81 15.58
N PHE A 165 12.90 15.80 15.70
CA PHE A 165 12.16 15.36 14.51
C PHE A 165 11.16 16.40 14.02
N LEU A 166 10.43 17.04 14.93
CA LEU A 166 9.45 18.05 14.53
C LEU A 166 10.13 19.27 13.90
N ASP A 167 11.30 19.65 14.41
CA ASP A 167 12.05 20.79 13.87
C ASP A 167 12.42 20.53 12.41
N GLU A 168 12.99 19.36 12.11
CA GLU A 168 13.37 19.06 10.73
C GLU A 168 12.13 18.94 9.85
N LEU A 169 11.06 18.36 10.38
CA LEU A 169 9.84 18.25 9.61
C LEU A 169 9.37 19.66 9.25
N ARG A 170 9.47 20.57 10.20
CA ARG A 170 9.06 21.95 9.97
C ARG A 170 9.93 22.60 8.89
N ARG A 171 11.25 22.38 8.95
CA ARG A 171 12.17 22.95 7.96
C ARG A 171 11.83 22.43 6.57
N ASN A 172 11.42 21.17 6.49
CA ASN A 172 11.04 20.54 5.22
C ASN A 172 9.62 20.93 4.80
N GLU A 173 8.91 21.68 5.64
CA GLU A 173 7.52 22.05 5.35
C GLU A 173 6.65 20.79 5.32
N GLN A 174 6.95 19.87 6.23
CA GLN A 174 6.22 18.62 6.33
C GLN A 174 5.51 18.46 7.67
N ASP A 175 5.52 19.50 8.49
CA ASP A 175 4.86 19.42 9.78
C ASP A 175 3.36 19.14 9.65
N ARG A 176 2.68 19.86 8.77
CA ARG A 176 1.25 19.62 8.58
C ARG A 176 0.99 18.25 7.94
N LEU A 177 1.91 17.79 7.10
CA LEU A 177 1.73 16.49 6.46
C LEU A 177 1.65 15.43 7.55
N LEU A 178 2.45 15.60 8.60
CA LEU A 178 2.46 14.65 9.72
C LEU A 178 1.24 14.81 10.63
N VAL A 179 1.03 16.03 11.11
CA VAL A 179 -0.07 16.30 12.04
C VAL A 179 -1.47 16.32 11.44
N GLU A 180 -1.62 16.81 10.22
CA GLU A 180 -2.96 16.86 9.63
C GLU A 180 -3.31 15.75 8.64
N LEU A 181 -2.33 14.97 8.20
CA LEU A 181 -2.63 13.89 7.25
C LEU A 181 -2.29 12.51 7.79
N GLU A 182 -0.99 12.18 7.88
CA GLU A 182 -0.57 10.86 8.34
C GLU A 182 -1.05 10.41 9.73
N GLN A 183 -0.95 11.26 10.75
CA GLN A 183 -1.38 10.85 12.09
C GLN A 183 -2.88 10.62 12.17
N PRO A 184 -3.69 11.55 11.62
CA PRO A 184 -5.14 11.32 11.68
C PRO A 184 -5.49 10.08 10.84
N LEU A 185 -4.79 9.89 9.72
CA LEU A 185 -5.06 8.73 8.89
C LEU A 185 -4.75 7.44 9.66
N SER A 186 -3.76 7.52 10.55
CA SER A 186 -3.37 6.36 11.33
C SER A 186 -4.53 5.81 12.17
N SER A 187 -5.33 6.70 12.75
CA SER A 187 -6.48 6.31 13.56
C SER A 187 -7.59 5.71 12.69
N ILE A 188 -7.75 6.25 11.48
CA ILE A 188 -8.75 5.75 10.55
C ILE A 188 -8.37 4.33 10.10
N LEU A 189 -7.09 4.13 9.83
CA LEU A 189 -6.62 2.80 9.42
C LEU A 189 -6.82 1.82 10.57
N ALA A 190 -6.64 2.31 11.80
CA ALA A 190 -6.79 1.46 12.97
C ALA A 190 -8.23 0.96 13.07
N GLU A 191 -9.19 1.84 12.82
CA GLU A 191 -10.61 1.46 12.89
C GLU A 191 -10.90 0.46 11.76
N MET A 192 -10.34 0.73 10.58
CA MET A 192 -10.54 -0.13 9.41
C MET A 192 -10.06 -1.54 9.67
N GLU A 193 -8.83 -1.66 10.18
CA GLU A 193 -8.24 -2.95 10.47
C GLU A 193 -9.01 -3.69 11.55
N PHE A 194 -9.37 -2.99 12.62
CA PHE A 194 -10.11 -3.60 13.72
C PHE A 194 -11.46 -4.15 13.26
N ALA A 195 -12.20 -3.36 12.46
CA ALA A 195 -13.49 -3.78 11.95
C ALA A 195 -13.36 -5.02 11.06
N GLY A 196 -12.35 -5.02 10.20
CA GLY A 196 -12.14 -6.16 9.32
C GLY A 196 -13.19 -6.32 8.24
N VAL A 197 -13.02 -7.34 7.40
CA VAL A 197 -13.94 -7.62 6.30
C VAL A 197 -14.43 -9.06 6.42
N LYS A 198 -15.74 -9.25 6.38
CA LYS A 198 -16.30 -10.60 6.49
C LYS A 198 -16.07 -11.43 5.24
N VAL A 199 -15.80 -12.71 5.45
CA VAL A 199 -15.55 -13.63 4.35
C VAL A 199 -16.55 -14.78 4.35
N ASP A 200 -17.04 -15.13 3.17
CA ASP A 200 -17.99 -16.23 3.02
C ASP A 200 -17.09 -17.45 2.80
N THR A 201 -16.63 -18.06 3.89
CA THR A 201 -15.74 -19.21 3.77
C THR A 201 -16.33 -20.38 3.01
N LYS A 202 -17.62 -20.64 3.17
CA LYS A 202 -18.25 -21.75 2.45
C LYS A 202 -18.20 -21.48 0.94
N ARG A 203 -18.27 -20.21 0.58
CA ARG A 203 -18.20 -19.83 -0.82
C ARG A 203 -16.78 -20.10 -1.32
N LEU A 204 -15.79 -19.75 -0.49
CA LEU A 204 -14.39 -19.96 -0.83
C LEU A 204 -14.01 -21.44 -0.94
N GLU A 205 -14.48 -22.26 0.00
CA GLU A 205 -14.17 -23.69 -0.03
C GLU A 205 -14.80 -24.32 -1.25
N GLN A 206 -15.95 -23.80 -1.65
CA GLN A 206 -16.67 -24.28 -2.83
C GLN A 206 -15.81 -24.00 -4.06
N MET A 207 -15.23 -22.80 -4.12
CA MET A 207 -14.38 -22.44 -5.24
C MET A 207 -13.11 -23.27 -5.21
N GLY A 208 -12.63 -23.56 -4.01
CA GLY A 208 -11.42 -24.36 -3.87
C GLY A 208 -11.56 -25.74 -4.51
N LYS A 209 -12.70 -26.38 -4.28
CA LYS A 209 -12.97 -27.70 -4.81
C LYS A 209 -13.05 -27.68 -6.33
N GLU A 210 -13.66 -26.64 -6.87
CA GLU A 210 -13.80 -26.51 -8.31
C GLU A 210 -12.42 -26.27 -8.94
N LEU A 211 -11.58 -25.50 -8.25
CA LEU A 211 -10.24 -25.24 -8.75
C LEU A 211 -9.40 -26.52 -8.70
N ALA A 212 -9.46 -27.22 -7.56
CA ALA A 212 -8.71 -28.45 -7.38
C ALA A 212 -9.05 -29.45 -8.48
N GLU A 213 -10.28 -29.36 -9.00
CA GLU A 213 -10.73 -30.25 -10.06
C GLU A 213 -10.08 -29.80 -11.37
N GLN A 214 -10.20 -28.51 -11.68
CA GLN A 214 -9.63 -27.95 -12.90
C GLN A 214 -8.12 -28.13 -12.94
N LEU A 215 -7.44 -27.83 -11.84
CA LEU A 215 -5.99 -27.98 -11.77
C LEU A 215 -5.62 -29.42 -12.12
N GLY A 216 -6.45 -30.36 -11.70
CA GLY A 216 -6.19 -31.75 -11.97
C GLY A 216 -6.22 -32.06 -13.45
N THR A 217 -7.20 -31.51 -14.15
CA THR A 217 -7.34 -31.74 -15.58
C THR A 217 -6.22 -31.11 -16.41
N VAL A 218 -5.91 -29.85 -16.13
CA VAL A 218 -4.85 -29.14 -16.85
C VAL A 218 -3.48 -29.74 -16.52
N GLU A 219 -3.35 -30.23 -15.29
CA GLU A 219 -2.10 -30.83 -14.85
C GLU A 219 -1.83 -32.13 -15.58
N GLN A 220 -2.87 -32.95 -15.72
CA GLN A 220 -2.75 -34.23 -16.42
C GLN A 220 -2.57 -34.01 -17.91
N ARG A 221 -3.18 -32.95 -18.42
CA ARG A 221 -3.07 -32.62 -19.84
C ARG A 221 -1.63 -32.25 -20.14
N ILE A 222 -1.01 -31.52 -19.20
CA ILE A 222 0.37 -31.09 -19.35
C ILE A 222 1.34 -32.27 -19.32
N TYR A 223 1.14 -33.19 -18.38
CA TYR A 223 2.03 -34.35 -18.30
C TYR A 223 1.88 -35.18 -19.57
N GLU A 224 0.69 -35.15 -20.15
CA GLU A 224 0.40 -35.90 -21.37
C GLU A 224 1.12 -35.28 -22.57
N LEU A 225 1.02 -33.96 -22.69
CA LEU A 225 1.65 -33.23 -23.80
C LEU A 225 3.17 -33.24 -23.72
N ALA A 226 3.70 -33.52 -22.53
CA ALA A 226 5.14 -33.56 -22.34
C ALA A 226 5.61 -35.01 -22.26
N GLY A 227 4.63 -35.93 -22.27
CA GLY A 227 4.95 -37.34 -22.19
C GLY A 227 5.83 -37.64 -21.00
N GLN A 228 5.49 -37.04 -19.86
CA GLN A 228 6.27 -37.23 -18.63
C GLN A 228 5.77 -36.31 -17.53
N GLU A 229 5.87 -36.77 -16.28
CA GLU A 229 5.45 -35.97 -15.14
C GLU A 229 6.65 -35.18 -14.63
N PHE A 230 6.37 -34.05 -13.97
CA PHE A 230 7.42 -33.20 -13.45
C PHE A 230 6.81 -32.08 -12.62
N ASN A 231 7.67 -31.30 -11.95
CA ASN A 231 7.17 -30.20 -11.13
C ASN A 231 6.99 -28.95 -12.00
N ILE A 232 5.75 -28.71 -12.40
CA ILE A 232 5.43 -27.55 -13.24
C ILE A 232 5.81 -26.25 -12.53
N ASN A 233 5.86 -26.29 -11.19
CA ASN A 233 6.20 -25.13 -10.39
C ASN A 233 7.71 -24.92 -10.30
N SER A 234 8.47 -25.88 -10.81
CA SER A 234 9.92 -25.78 -10.81
C SER A 234 10.42 -25.11 -12.08
N PRO A 235 10.87 -23.84 -11.98
CA PRO A 235 11.36 -23.12 -13.16
C PRO A 235 12.52 -23.87 -13.83
N LYS A 236 13.19 -24.71 -13.06
CA LYS A 236 14.32 -25.49 -13.57
C LYS A 236 13.82 -26.69 -14.34
N GLN A 237 12.86 -27.42 -13.77
CA GLN A 237 12.30 -28.60 -14.41
C GLN A 237 11.46 -28.24 -15.64
N LEU A 238 10.71 -27.15 -15.53
CA LEU A 238 9.87 -26.70 -16.64
C LEU A 238 10.78 -26.37 -17.83
N GLY A 239 11.91 -25.74 -17.54
CA GLY A 239 12.86 -25.38 -18.58
C GLY A 239 13.41 -26.56 -19.38
N VAL A 240 13.75 -27.64 -18.70
CA VAL A 240 14.29 -28.83 -19.37
C VAL A 240 13.22 -29.45 -20.26
N ILE A 241 11.98 -29.47 -19.78
CA ILE A 241 10.88 -30.04 -20.54
C ILE A 241 10.57 -29.22 -21.78
N LEU A 242 10.51 -27.91 -21.62
CA LEU A 242 10.18 -27.02 -22.73
C LEU A 242 11.32 -26.83 -23.74
N PHE A 243 12.46 -26.35 -23.25
CA PHE A 243 13.61 -26.06 -24.11
C PHE A 243 14.54 -27.22 -24.45
N GLU A 244 14.30 -28.39 -23.89
CA GLU A 244 15.14 -29.55 -24.19
C GLU A 244 14.35 -30.70 -24.77
N LYS A 245 13.46 -31.29 -23.98
CA LYS A 245 12.65 -32.42 -24.45
C LYS A 245 11.76 -32.03 -25.65
N LEU A 246 11.07 -30.90 -25.54
CA LEU A 246 10.19 -30.45 -26.61
C LEU A 246 10.88 -29.61 -27.67
N GLN A 247 12.13 -29.25 -27.42
CA GLN A 247 12.92 -28.47 -28.38
C GLN A 247 12.36 -27.10 -28.72
N LEU A 248 11.55 -26.52 -27.83
CA LEU A 248 10.99 -25.21 -28.10
C LEU A 248 12.09 -24.15 -28.23
N PRO A 249 11.84 -23.10 -29.02
CA PRO A 249 12.79 -22.00 -29.25
C PRO A 249 13.13 -21.24 -27.98
N VAL A 250 14.40 -20.84 -27.86
CA VAL A 250 14.86 -20.08 -26.71
C VAL A 250 15.02 -18.62 -27.14
N LEU A 251 14.08 -17.78 -26.70
CA LEU A 251 14.09 -16.37 -27.08
C LEU A 251 14.54 -15.45 -25.94
N LYS A 252 14.16 -15.78 -24.71
CA LYS A 252 14.53 -14.96 -23.56
C LYS A 252 15.08 -15.79 -22.41
N LYS A 253 16.01 -15.20 -21.66
CA LYS A 253 16.63 -15.87 -20.51
C LYS A 253 16.47 -15.02 -19.25
N THR A 254 16.77 -15.62 -18.11
CA THR A 254 16.67 -14.92 -16.83
C THR A 254 18.08 -14.65 -16.27
N LYS A 255 18.15 -14.34 -14.99
CA LYS A 255 19.43 -14.06 -14.34
C LYS A 255 20.22 -15.36 -14.12
N THR A 256 19.50 -16.48 -14.08
CA THR A 256 20.14 -17.78 -13.86
C THR A 256 20.07 -18.74 -15.06
N GLY A 257 19.49 -18.29 -16.16
CA GLY A 257 19.41 -19.15 -17.34
C GLY A 257 18.06 -19.19 -18.04
N TYR A 258 17.53 -20.40 -18.23
CA TYR A 258 16.24 -20.61 -18.90
C TYR A 258 15.12 -19.74 -18.32
N SER A 259 14.48 -18.97 -19.20
CA SER A 259 13.38 -18.10 -18.78
C SER A 259 12.03 -18.69 -19.14
N THR A 260 11.17 -18.87 -18.15
CA THR A 260 9.85 -19.40 -18.38
C THR A 260 8.81 -18.40 -17.87
N SER A 261 9.13 -17.12 -17.99
CA SER A 261 8.23 -16.06 -17.57
C SER A 261 7.02 -16.04 -18.50
N ALA A 262 5.92 -15.46 -18.05
CA ALA A 262 4.70 -15.40 -18.86
C ALA A 262 4.91 -14.65 -20.16
N ASP A 263 5.85 -13.70 -20.17
CA ASP A 263 6.14 -12.91 -21.36
C ASP A 263 6.79 -13.80 -22.42
N VAL A 264 7.56 -14.79 -21.96
CA VAL A 264 8.24 -15.72 -22.86
C VAL A 264 7.28 -16.79 -23.39
N LEU A 265 6.49 -17.39 -22.49
CA LEU A 265 5.56 -18.44 -22.88
C LEU A 265 4.49 -17.96 -23.86
N GLU A 266 4.12 -16.69 -23.76
CA GLU A 266 3.13 -16.14 -24.67
C GLU A 266 3.61 -16.25 -26.11
N LYS A 267 4.90 -16.01 -26.31
CA LYS A 267 5.49 -16.07 -27.64
C LYS A 267 5.83 -17.49 -28.08
N LEU A 268 5.83 -18.43 -27.14
CA LEU A 268 6.12 -19.83 -27.45
C LEU A 268 4.83 -20.59 -27.71
N ALA A 269 3.73 -20.04 -27.22
CA ALA A 269 2.40 -20.65 -27.35
C ALA A 269 2.11 -21.19 -28.75
N PRO A 270 2.43 -20.42 -29.81
CA PRO A 270 2.16 -20.88 -31.17
C PRO A 270 2.92 -22.16 -31.56
N TYR A 271 4.06 -22.41 -30.91
CA TYR A 271 4.86 -23.59 -31.22
C TYR A 271 4.37 -24.90 -30.63
N HIS A 272 3.82 -24.87 -29.43
CA HIS A 272 3.35 -26.09 -28.81
C HIS A 272 2.14 -25.87 -27.90
N GLU A 273 1.21 -26.83 -27.92
CA GLU A 273 -0.02 -26.75 -27.12
C GLU A 273 0.26 -26.70 -25.63
N ILE A 274 1.30 -27.38 -25.18
CA ILE A 274 1.63 -27.43 -23.77
C ILE A 274 1.83 -26.04 -23.14
N VAL A 275 2.24 -25.07 -23.94
CA VAL A 275 2.48 -23.72 -23.42
C VAL A 275 1.24 -23.01 -22.88
N GLU A 276 0.12 -23.10 -23.59
CA GLU A 276 -1.11 -22.46 -23.14
C GLU A 276 -1.61 -23.16 -21.87
N ASN A 277 -1.37 -24.47 -21.79
CA ASN A 277 -1.79 -25.23 -20.61
C ASN A 277 -0.94 -24.85 -19.40
N ILE A 278 0.36 -24.63 -19.62
CA ILE A 278 1.24 -24.25 -18.53
C ILE A 278 0.76 -22.92 -17.97
N LEU A 279 0.45 -21.98 -18.86
CA LEU A 279 -0.02 -20.66 -18.47
C LEU A 279 -1.29 -20.75 -17.61
N HIS A 280 -2.27 -21.49 -18.10
CA HIS A 280 -3.54 -21.66 -17.41
C HIS A 280 -3.29 -22.29 -16.04
N TYR A 281 -2.48 -23.33 -16.02
CA TYR A 281 -2.13 -24.02 -14.78
C TYR A 281 -1.58 -23.03 -13.76
N ARG A 282 -0.79 -22.08 -14.23
CA ARG A 282 -0.21 -21.08 -13.35
C ARG A 282 -1.26 -20.10 -12.84
N GLN A 283 -2.24 -19.77 -13.69
CA GLN A 283 -3.30 -18.87 -13.26
C GLN A 283 -4.06 -19.51 -12.12
N LEU A 284 -4.68 -20.66 -12.40
CA LEU A 284 -5.45 -21.39 -11.39
C LEU A 284 -4.60 -21.70 -10.17
N GLY A 285 -3.30 -21.92 -10.40
CA GLY A 285 -2.39 -22.22 -9.31
C GLY A 285 -2.22 -21.07 -8.34
N LYS A 286 -2.34 -19.84 -8.83
CA LYS A 286 -2.20 -18.66 -7.97
C LYS A 286 -3.48 -18.46 -7.18
N LEU A 287 -4.61 -18.68 -7.84
CA LEU A 287 -5.91 -18.55 -7.20
C LEU A 287 -6.04 -19.51 -6.02
N GLN A 288 -5.66 -20.76 -6.24
CA GLN A 288 -5.76 -21.78 -5.22
C GLN A 288 -4.86 -21.55 -4.01
N SER A 289 -3.57 -21.35 -4.27
CA SER A 289 -2.61 -21.14 -3.21
C SER A 289 -2.77 -19.88 -2.37
N THR A 290 -2.80 -18.74 -3.05
CA THR A 290 -2.90 -17.44 -2.37
C THR A 290 -4.29 -16.94 -1.99
N TYR A 291 -5.26 -17.12 -2.88
CA TYR A 291 -6.60 -16.61 -2.62
C TYR A 291 -7.65 -17.58 -2.07
N ILE A 292 -7.30 -18.85 -2.01
CA ILE A 292 -8.24 -19.81 -1.46
C ILE A 292 -7.64 -20.34 -0.17
N GLU A 293 -6.57 -21.12 -0.30
CA GLU A 293 -5.91 -21.68 0.86
C GLU A 293 -5.26 -20.58 1.68
N GLY A 294 -4.65 -19.60 1.01
CA GLY A 294 -4.02 -18.50 1.70
C GLY A 294 -4.97 -17.65 2.53
N LEU A 295 -6.12 -17.31 1.96
CA LEU A 295 -7.11 -16.50 2.68
C LEU A 295 -7.68 -17.29 3.85
N LEU A 296 -8.14 -18.50 3.56
CA LEU A 296 -8.72 -19.35 4.59
C LEU A 296 -7.86 -19.46 5.85
N LYS A 297 -6.54 -19.42 5.69
CA LYS A 297 -5.63 -19.51 6.83
C LYS A 297 -5.65 -18.30 7.76
N VAL A 298 -6.06 -17.14 7.25
CA VAL A 298 -6.08 -15.94 8.08
C VAL A 298 -7.47 -15.46 8.51
N VAL A 299 -8.51 -16.14 8.04
CA VAL A 299 -9.87 -15.78 8.44
C VAL A 299 -10.04 -16.21 9.90
N ARG A 300 -10.58 -15.33 10.74
CA ARG A 300 -10.80 -15.64 12.15
C ARG A 300 -11.95 -16.64 12.22
N PRO A 301 -11.73 -17.79 12.87
CA PRO A 301 -12.75 -18.84 13.01
C PRO A 301 -14.01 -18.34 13.68
N ASP A 302 -13.85 -17.46 14.65
CA ASP A 302 -14.98 -16.95 15.41
C ASP A 302 -15.85 -15.89 14.73
N THR A 303 -15.24 -14.94 14.05
CA THR A 303 -16.01 -13.88 13.38
C THR A 303 -16.06 -14.04 11.87
N LYS A 304 -15.26 -14.95 11.35
CA LYS A 304 -15.20 -15.18 9.91
C LYS A 304 -14.78 -13.91 9.18
N LYS A 305 -13.96 -13.11 9.85
CA LYS A 305 -13.45 -11.88 9.28
C LYS A 305 -11.93 -11.96 9.12
N VAL A 306 -11.41 -11.21 8.15
CA VAL A 306 -9.97 -11.10 7.95
C VAL A 306 -9.62 -9.68 8.39
N HIS A 307 -8.55 -9.56 9.16
CA HIS A 307 -8.10 -8.28 9.66
C HIS A 307 -6.71 -7.98 9.10
N THR A 308 -6.68 -7.27 7.98
CA THR A 308 -5.42 -6.93 7.34
C THR A 308 -4.67 -5.92 8.20
N ILE A 309 -3.41 -5.71 7.89
CA ILE A 309 -2.63 -4.71 8.59
C ILE A 309 -2.09 -3.80 7.49
N PHE A 310 -2.45 -2.52 7.55
CA PHE A 310 -1.96 -1.57 6.55
C PHE A 310 -0.64 -0.99 7.01
N ASN A 311 0.43 -1.23 6.26
CA ASN A 311 1.71 -0.65 6.63
C ASN A 311 1.69 0.75 6.03
N GLN A 312 1.68 1.75 6.90
CA GLN A 312 1.61 3.14 6.49
C GLN A 312 3.00 3.77 6.30
N ALA A 313 4.05 3.05 6.68
CA ALA A 313 5.41 3.59 6.56
C ALA A 313 6.37 2.64 5.85
N LEU A 314 5.98 2.17 4.68
CA LEU A 314 6.80 1.26 3.90
C LEU A 314 7.14 1.77 2.49
N THR A 315 6.12 2.01 1.67
CA THR A 315 6.38 2.44 0.29
C THR A 315 7.19 3.72 0.15
N GLN A 316 7.98 3.79 -0.91
CA GLN A 316 8.83 4.95 -1.18
C GLN A 316 8.06 6.13 -1.77
N THR A 317 6.81 5.90 -2.16
CA THR A 317 6.00 6.95 -2.77
C THR A 317 4.87 7.52 -1.92
N GLY A 318 4.59 6.94 -0.77
CA GLY A 318 3.52 7.44 0.06
C GLY A 318 2.28 6.58 0.04
N ARG A 319 2.29 5.54 -0.78
CA ARG A 319 1.17 4.62 -0.84
C ARG A 319 1.15 3.73 0.40
N LEU A 320 0.02 3.09 0.63
CA LEU A 320 -0.12 2.16 1.73
C LEU A 320 0.19 0.78 1.16
N SER A 321 0.48 -0.18 2.02
CA SER A 321 0.70 -1.56 1.57
C SER A 321 -0.20 -2.33 2.54
N SER A 322 -0.63 -3.51 2.13
CA SER A 322 -1.53 -4.34 2.93
C SER A 322 -0.92 -5.71 3.12
N THR A 323 -1.08 -6.28 4.31
CA THR A 323 -0.51 -7.58 4.60
C THR A 323 -1.35 -8.48 5.50
N GLU A 324 -1.11 -9.78 5.41
CA GLU A 324 -1.79 -10.80 6.23
C GLU A 324 -3.28 -10.60 6.47
N PRO A 325 -4.11 -10.64 5.42
CA PRO A 325 -3.74 -10.87 4.02
C PRO A 325 -3.60 -9.56 3.27
N ASN A 326 -3.09 -9.63 2.04
CA ASN A 326 -2.95 -8.45 1.22
C ASN A 326 -4.30 -8.28 0.52
N LEU A 327 -5.09 -7.31 0.96
CA LEU A 327 -6.40 -7.08 0.36
C LEU A 327 -6.35 -6.08 -0.78
N GLN A 328 -5.15 -5.72 -1.22
CA GLN A 328 -4.99 -4.77 -2.32
C GLN A 328 -4.56 -5.46 -3.61
N ASN A 329 -4.65 -6.79 -3.65
CA ASN A 329 -4.28 -7.51 -4.86
C ASN A 329 -5.20 -8.71 -5.12
N ILE A 330 -6.46 -8.56 -4.71
CA ILE A 330 -7.46 -9.61 -4.92
C ILE A 330 -7.80 -9.56 -6.41
N PRO A 331 -7.82 -10.73 -7.08
CA PRO A 331 -8.12 -10.85 -8.52
C PRO A 331 -9.32 -10.04 -9.03
N ILE A 332 -9.22 -9.60 -10.26
CA ILE A 332 -10.29 -8.83 -10.90
C ILE A 332 -10.13 -8.80 -12.42
N ARG A 333 -8.89 -8.86 -12.88
CA ARG A 333 -8.57 -8.83 -14.29
C ARG A 333 -9.25 -9.95 -15.08
N LEU A 334 -9.04 -11.20 -14.65
CA LEU A 334 -9.63 -12.34 -15.31
C LEU A 334 -10.84 -12.83 -14.52
N GLU A 335 -11.91 -13.13 -15.24
CA GLU A 335 -13.16 -13.58 -14.63
C GLU A 335 -13.04 -14.71 -13.61
N GLU A 336 -12.27 -15.74 -13.93
CA GLU A 336 -12.11 -16.87 -13.01
C GLU A 336 -11.66 -16.40 -11.64
N GLY A 337 -10.68 -15.50 -11.61
CA GLY A 337 -10.18 -14.99 -10.34
C GLY A 337 -11.07 -13.93 -9.72
N ARG A 338 -11.74 -13.15 -10.56
CA ARG A 338 -12.63 -12.10 -10.08
C ARG A 338 -13.72 -12.67 -9.18
N LYS A 339 -14.14 -13.89 -9.46
CA LYS A 339 -15.18 -14.53 -8.67
C LYS A 339 -14.77 -14.65 -7.21
N ILE A 340 -13.47 -14.53 -6.94
CA ILE A 340 -12.96 -14.60 -5.57
C ILE A 340 -13.63 -13.53 -4.71
N ARG A 341 -13.92 -12.38 -5.34
CA ARG A 341 -14.55 -11.27 -4.65
C ARG A 341 -15.96 -11.54 -4.16
N GLN A 342 -16.57 -12.61 -4.67
CA GLN A 342 -17.92 -12.96 -4.24
C GLN A 342 -17.85 -13.45 -2.79
N ALA A 343 -16.63 -13.73 -2.32
CA ALA A 343 -16.42 -14.21 -0.96
C ALA A 343 -16.35 -13.09 0.08
N PHE A 344 -16.15 -11.86 -0.39
CA PHE A 344 -16.07 -10.71 0.51
C PHE A 344 -17.46 -10.10 0.57
N VAL A 345 -18.10 -10.27 1.72
CA VAL A 345 -19.46 -9.81 1.92
C VAL A 345 -19.59 -8.82 3.09
N PRO A 346 -20.76 -8.17 3.21
CA PRO A 346 -21.00 -7.21 4.29
C PRO A 346 -20.98 -7.95 5.62
N SER A 347 -20.60 -7.26 6.68
CA SER A 347 -20.52 -7.88 8.01
C SER A 347 -21.87 -7.96 8.73
N GLU A 348 -22.91 -7.36 8.16
CA GLU A 348 -24.23 -7.36 8.78
C GLU A 348 -25.30 -7.74 7.75
N SER A 349 -26.45 -8.18 8.25
CA SER A 349 -27.56 -8.53 7.38
C SER A 349 -28.14 -7.23 6.84
N ASP A 350 -28.54 -7.24 5.57
CA ASP A 350 -29.14 -6.06 4.96
C ASP A 350 -28.17 -4.92 4.72
N TRP A 351 -26.88 -5.23 4.72
CA TRP A 351 -25.86 -4.23 4.45
C TRP A 351 -25.34 -4.55 3.05
N LEU A 352 -24.68 -3.57 2.45
CA LEU A 352 -24.15 -3.75 1.11
C LEU A 352 -22.72 -3.20 1.06
N ILE A 353 -21.97 -3.62 0.04
CA ILE A 353 -20.60 -3.15 -0.16
C ILE A 353 -20.68 -2.00 -1.16
N PHE A 354 -20.04 -0.89 -0.83
CA PHE A 354 -20.02 0.29 -1.69
C PHE A 354 -18.56 0.57 -2.06
N ALA A 355 -18.28 0.69 -3.36
CA ALA A 355 -16.92 0.94 -3.82
C ALA A 355 -16.86 2.17 -4.72
N ALA A 356 -15.92 3.06 -4.44
CA ALA A 356 -15.75 4.27 -5.23
C ALA A 356 -14.28 4.34 -5.64
N ASP A 357 -14.03 4.66 -6.91
CA ASP A 357 -12.66 4.71 -7.38
C ASP A 357 -12.41 5.92 -8.27
N TYR A 358 -11.22 6.49 -8.16
CA TYR A 358 -10.88 7.63 -9.00
C TYR A 358 -10.62 7.14 -10.42
N SER A 359 -11.09 7.88 -11.40
CA SER A 359 -10.86 7.52 -12.78
C SER A 359 -9.63 8.25 -13.33
N GLN A 360 -8.58 7.49 -13.69
CA GLN A 360 -7.35 8.05 -14.26
C GLN A 360 -6.73 9.13 -13.40
N ILE A 361 -6.68 8.94 -12.08
CA ILE A 361 -6.13 9.97 -11.22
C ILE A 361 -4.67 10.32 -11.52
N GLU A 362 -3.87 9.35 -11.93
CA GLU A 362 -2.47 9.64 -12.20
C GLU A 362 -2.30 10.54 -13.42
N LEU A 363 -3.06 10.30 -14.48
CA LEU A 363 -2.96 11.13 -15.68
C LEU A 363 -3.51 12.52 -15.42
N ARG A 364 -4.54 12.61 -14.56
CA ARG A 364 -5.14 13.88 -14.19
C ARG A 364 -4.15 14.65 -13.35
N VAL A 365 -3.44 13.96 -12.47
CA VAL A 365 -2.42 14.61 -11.65
C VAL A 365 -1.30 15.09 -12.56
N LEU A 366 -0.92 14.27 -13.54
CA LEU A 366 0.13 14.67 -14.48
C LEU A 366 -0.31 15.94 -15.22
N ALA A 367 -1.55 15.97 -15.68
CA ALA A 367 -2.06 17.14 -16.40
C ALA A 367 -1.95 18.39 -15.52
N HIS A 368 -2.28 18.25 -14.23
CA HIS A 368 -2.20 19.37 -13.30
C HIS A 368 -0.77 19.86 -13.06
N ILE A 369 0.11 18.93 -12.72
CA ILE A 369 1.51 19.25 -12.43
C ILE A 369 2.29 19.81 -13.61
N ALA A 370 2.12 19.19 -14.78
CA ALA A 370 2.81 19.63 -15.99
C ALA A 370 2.11 20.82 -16.64
N GLU A 371 0.85 21.04 -16.27
CA GLU A 371 0.06 22.14 -16.83
C GLU A 371 0.08 22.09 -18.34
N ASP A 372 -0.13 20.90 -18.89
CA ASP A 372 -0.13 20.74 -20.33
C ASP A 372 -1.53 21.12 -20.85
N ASP A 373 -1.59 22.14 -21.69
CA ASP A 373 -2.86 22.62 -22.23
C ASP A 373 -3.68 21.54 -22.92
N ASN A 374 -3.03 20.75 -23.77
CA ASN A 374 -3.71 19.69 -24.50
C ASN A 374 -4.26 18.64 -23.55
N LEU A 375 -3.44 18.21 -22.59
CA LEU A 375 -3.89 17.20 -21.64
C LEU A 375 -4.99 17.73 -20.71
N MET A 376 -4.87 18.96 -20.23
CA MET A 376 -5.90 19.50 -19.36
C MET A 376 -7.21 19.65 -20.11
N GLU A 377 -7.15 20.12 -21.35
CA GLU A 377 -8.36 20.30 -22.16
C GLU A 377 -9.05 18.94 -22.41
N ALA A 378 -8.26 17.89 -22.57
CA ALA A 378 -8.82 16.56 -22.79
C ALA A 378 -9.63 16.14 -21.56
N PHE A 379 -9.07 16.34 -20.37
CA PHE A 379 -9.81 15.95 -19.17
C PHE A 379 -10.97 16.90 -18.88
N ARG A 380 -10.88 18.15 -19.36
CA ARG A 380 -11.96 19.10 -19.14
C ARG A 380 -13.16 18.70 -20.00
N ARG A 381 -12.89 18.00 -21.09
CA ARG A 381 -13.95 17.53 -21.99
C ARG A 381 -14.32 16.10 -21.62
N ASP A 382 -13.70 15.59 -20.56
CA ASP A 382 -13.92 14.22 -20.08
C ASP A 382 -13.83 13.24 -21.24
N LEU A 383 -12.81 13.41 -22.10
CA LEU A 383 -12.61 12.54 -23.25
C LEU A 383 -11.97 11.22 -22.83
N ASP A 384 -12.03 10.25 -23.73
CA ASP A 384 -11.37 8.98 -23.46
C ASP A 384 -9.94 9.36 -23.76
N ILE A 385 -9.12 9.41 -22.72
CA ILE A 385 -7.73 9.83 -22.88
C ILE A 385 -6.88 8.96 -23.80
N HIS A 386 -7.17 7.66 -23.86
CA HIS A 386 -6.39 6.78 -24.72
C HIS A 386 -6.71 6.98 -26.20
N THR A 387 -7.98 7.25 -26.50
CA THR A 387 -8.40 7.49 -27.88
C THR A 387 -7.83 8.84 -28.31
N LYS A 388 -7.88 9.82 -27.40
CA LYS A 388 -7.36 11.15 -27.69
C LYS A 388 -5.84 11.10 -27.96
N THR A 389 -5.11 10.33 -27.17
CA THR A 389 -3.67 10.22 -27.37
C THR A 389 -3.40 9.57 -28.73
N ALA A 390 -4.22 8.59 -29.09
CA ALA A 390 -4.06 7.90 -30.37
C ALA A 390 -4.30 8.89 -31.51
N MET A 391 -5.34 9.70 -31.39
CA MET A 391 -5.65 10.69 -32.41
C MET A 391 -4.47 11.64 -32.63
N ASP A 392 -3.80 12.00 -31.53
CA ASP A 392 -2.67 12.92 -31.60
C ASP A 392 -1.38 12.31 -32.12
N ILE A 393 -0.95 11.17 -31.57
CA ILE A 393 0.29 10.56 -32.02
C ILE A 393 0.16 9.85 -33.36
N PHE A 394 -1.06 9.70 -33.86
CA PHE A 394 -1.28 9.08 -35.17
C PHE A 394 -1.92 10.10 -36.09
N GLN A 395 -2.23 11.27 -35.52
CA GLN A 395 -2.82 12.38 -36.25
C GLN A 395 -3.99 11.97 -37.14
N VAL A 396 -4.97 11.28 -36.56
CA VAL A 396 -6.15 10.84 -37.28
C VAL A 396 -7.39 11.32 -36.52
N SER A 397 -8.56 11.18 -37.13
CA SER A 397 -9.79 11.59 -36.48
C SER A 397 -10.21 10.49 -35.52
N GLU A 398 -11.20 10.77 -34.67
CA GLU A 398 -11.66 9.78 -33.71
C GLU A 398 -12.18 8.52 -34.40
N ASP A 399 -12.78 8.68 -35.58
CA ASP A 399 -13.31 7.53 -36.32
C ASP A 399 -12.22 6.60 -36.85
N GLU A 400 -11.08 7.16 -37.21
CA GLU A 400 -9.99 6.38 -37.76
C GLU A 400 -9.14 5.65 -36.72
N VAL A 401 -9.43 5.87 -35.44
CA VAL A 401 -8.68 5.20 -34.39
C VAL A 401 -9.14 3.75 -34.30
N THR A 402 -8.26 2.85 -34.70
CA THR A 402 -8.54 1.42 -34.65
C THR A 402 -8.28 0.90 -33.24
N PRO A 403 -8.84 -0.27 -32.90
CA PRO A 403 -8.62 -0.82 -31.57
C PRO A 403 -7.12 -0.97 -31.24
N ASN A 404 -6.32 -1.38 -32.23
CA ASN A 404 -4.91 -1.57 -31.98
C ASN A 404 -4.21 -0.24 -31.73
N MET A 405 -4.70 0.83 -32.36
CA MET A 405 -4.13 2.16 -32.18
C MET A 405 -4.38 2.64 -30.75
N ARG A 406 -5.57 2.36 -30.23
CA ARG A 406 -5.91 2.77 -28.87
C ARG A 406 -5.10 1.95 -27.87
N ARG A 407 -4.90 0.67 -28.16
CA ARG A 407 -4.13 -0.20 -27.29
C ARG A 407 -2.71 0.31 -27.12
N GLN A 408 -2.14 0.81 -28.22
CA GLN A 408 -0.79 1.32 -28.18
C GLN A 408 -0.69 2.71 -27.54
N ALA A 409 -1.72 3.54 -27.74
CA ALA A 409 -1.73 4.88 -27.16
C ALA A 409 -1.87 4.69 -25.65
N LYS A 410 -2.61 3.64 -25.28
CA LYS A 410 -2.83 3.32 -23.88
C LYS A 410 -1.49 2.97 -23.21
N ALA A 411 -0.72 2.08 -23.84
CA ALA A 411 0.58 1.67 -23.30
C ALA A 411 1.55 2.86 -23.24
N VAL A 412 1.38 3.82 -24.15
CA VAL A 412 2.24 4.99 -24.15
C VAL A 412 1.85 5.88 -22.96
N ASN A 413 0.56 6.10 -22.76
CA ASN A 413 0.10 6.94 -21.65
C ASN A 413 0.61 6.44 -20.32
N TYR A 414 0.52 5.13 -20.10
CA TYR A 414 1.00 4.56 -18.85
C TYR A 414 2.52 4.41 -18.79
N GLY A 415 3.17 4.39 -19.96
CA GLY A 415 4.61 4.30 -19.97
C GLY A 415 5.19 5.65 -19.57
N ILE A 416 4.54 6.71 -20.05
CA ILE A 416 4.97 8.07 -19.76
C ILE A 416 4.96 8.31 -18.25
N VAL A 417 3.92 7.85 -17.57
CA VAL A 417 3.80 8.02 -16.12
C VAL A 417 4.92 7.27 -15.38
N TYR A 418 5.34 6.14 -15.93
CA TYR A 418 6.38 5.33 -15.31
C TYR A 418 7.77 5.73 -15.76
N GLY A 419 7.85 6.75 -16.61
CA GLY A 419 9.13 7.17 -17.12
C GLY A 419 9.68 6.11 -18.05
N ILE A 420 8.82 5.52 -18.86
CA ILE A 420 9.21 4.45 -19.81
C ILE A 420 10.31 4.81 -20.80
N SER A 421 11.05 3.81 -21.28
CA SER A 421 12.11 4.04 -22.23
C SER A 421 11.67 3.62 -23.64
N ASP A 422 12.35 4.10 -24.69
CA ASP A 422 11.98 3.65 -26.03
C ASP A 422 12.21 2.16 -26.11
N TYR A 423 13.05 1.61 -25.23
CA TYR A 423 13.33 0.16 -25.22
C TYR A 423 12.20 -0.59 -24.53
N GLY A 424 11.76 -0.06 -23.39
CA GLY A 424 10.68 -0.69 -22.64
C GLY A 424 9.32 -0.52 -23.29
N LEU A 425 9.15 0.51 -24.10
CA LEU A 425 7.88 0.69 -24.78
C LEU A 425 7.94 -0.31 -25.93
N ALA A 426 9.16 -0.69 -26.29
CA ALA A 426 9.40 -1.64 -27.36
C ALA A 426 9.15 -3.07 -26.85
N GLN A 427 9.51 -3.32 -25.60
CA GLN A 427 9.34 -4.65 -25.00
C GLN A 427 7.88 -4.87 -24.59
N ASN A 428 7.19 -3.78 -24.26
CA ASN A 428 5.79 -3.85 -23.87
C ASN A 428 4.90 -3.97 -25.10
N LEU A 429 5.19 -3.18 -26.12
CA LEU A 429 4.41 -3.19 -27.35
C LEU A 429 5.02 -4.15 -28.36
N ASN A 430 6.17 -4.73 -28.00
CA ASN A 430 6.88 -5.66 -28.86
C ASN A 430 7.06 -5.06 -30.26
N ILE A 431 7.84 -3.98 -30.34
CA ILE A 431 8.09 -3.30 -31.62
C ILE A 431 9.56 -2.90 -31.74
N SER A 432 9.88 -2.09 -32.75
CA SER A 432 11.24 -1.61 -32.98
C SER A 432 11.62 -0.54 -31.96
N ARG A 433 12.85 -0.61 -31.46
CA ARG A 433 13.34 0.36 -30.48
C ARG A 433 13.29 1.78 -31.03
N LYS A 434 13.47 1.92 -32.34
CA LYS A 434 13.45 3.24 -32.97
C LYS A 434 12.01 3.68 -33.23
N GLU A 435 11.11 2.72 -33.42
CA GLU A 435 9.71 3.04 -33.67
C GLU A 435 9.08 3.47 -32.34
N ALA A 436 9.48 2.80 -31.27
CA ALA A 436 8.96 3.13 -29.94
C ALA A 436 9.42 4.56 -29.65
N ALA A 437 10.68 4.84 -29.99
CA ALA A 437 11.24 6.16 -29.77
C ALA A 437 10.48 7.22 -30.55
N GLU A 438 9.95 6.85 -31.71
CA GLU A 438 9.19 7.82 -32.51
C GLU A 438 7.79 8.03 -31.95
N PHE A 439 7.24 7.01 -31.29
CA PHE A 439 5.91 7.13 -30.68
C PHE A 439 6.08 8.19 -29.59
N ILE A 440 7.12 8.01 -28.78
CA ILE A 440 7.44 8.92 -27.69
C ILE A 440 7.67 10.33 -28.20
N GLU A 441 8.41 10.47 -29.31
CA GLU A 441 8.66 11.78 -29.91
C GLU A 441 7.33 12.41 -30.27
N ARG A 442 6.44 11.61 -30.85
CA ARG A 442 5.12 12.10 -31.24
C ARG A 442 4.34 12.54 -30.02
N TYR A 443 4.39 11.72 -28.97
CA TYR A 443 3.67 12.03 -27.74
C TYR A 443 4.10 13.38 -27.20
N PHE A 444 5.41 13.60 -27.12
CA PHE A 444 5.91 14.87 -26.59
C PHE A 444 5.64 16.05 -27.49
N GLU A 445 5.31 15.80 -28.76
CA GLU A 445 4.98 16.85 -29.71
C GLU A 445 3.54 17.31 -29.46
N SER A 446 2.68 16.36 -29.10
CA SER A 446 1.28 16.66 -28.81
C SER A 446 1.12 17.19 -27.38
N PHE A 447 2.03 16.78 -26.49
CA PHE A 447 1.98 17.20 -25.10
C PHE A 447 3.31 17.81 -24.64
N PRO A 448 3.68 18.98 -25.19
CA PRO A 448 4.94 19.65 -24.83
C PRO A 448 5.04 20.00 -23.34
N GLY A 449 3.90 20.16 -22.68
CA GLY A 449 3.88 20.48 -21.27
C GLY A 449 4.41 19.31 -20.48
N VAL A 450 4.03 18.10 -20.91
CA VAL A 450 4.50 16.90 -20.24
C VAL A 450 5.99 16.73 -20.54
N LYS A 451 6.41 17.07 -21.75
CA LYS A 451 7.82 16.95 -22.10
C LYS A 451 8.63 17.86 -21.18
N ARG A 452 8.19 19.10 -21.04
CA ARG A 452 8.86 20.09 -20.20
C ARG A 452 8.92 19.61 -18.74
N TYR A 453 7.83 19.05 -18.23
CA TYR A 453 7.81 18.54 -16.86
C TYR A 453 8.85 17.41 -16.66
N MET A 454 8.91 16.47 -17.59
CA MET A 454 9.84 15.36 -17.46
C MET A 454 11.28 15.85 -17.42
N GLU A 455 11.59 16.83 -18.25
CA GLU A 455 12.92 17.41 -18.30
C GLU A 455 13.19 18.21 -17.03
N ASN A 456 12.26 19.08 -16.65
CA ASN A 456 12.46 19.91 -15.46
C ASN A 456 12.50 19.16 -14.14
N ILE A 457 11.68 18.12 -13.99
CA ILE A 457 11.67 17.38 -12.74
C ILE A 457 13.00 16.64 -12.52
N VAL A 458 13.60 16.12 -13.58
CA VAL A 458 14.88 15.43 -13.46
C VAL A 458 15.98 16.43 -13.06
N GLN A 459 15.96 17.61 -13.66
CA GLN A 459 16.95 18.62 -13.33
C GLN A 459 16.76 19.05 -11.88
N GLU A 460 15.51 19.10 -11.44
CA GLU A 460 15.19 19.50 -10.07
C GLU A 460 15.68 18.44 -9.08
N ALA A 461 15.55 17.17 -9.45
CA ALA A 461 15.99 16.07 -8.61
C ALA A 461 17.52 16.16 -8.43
N LYS A 462 18.20 16.60 -9.48
CA LYS A 462 19.64 16.71 -9.44
C LYS A 462 20.11 17.93 -8.66
N GLN A 463 19.38 19.04 -8.80
CA GLN A 463 19.71 20.28 -8.14
C GLN A 463 19.44 20.24 -6.63
N LYS A 464 18.26 19.77 -6.25
CA LYS A 464 17.90 19.70 -4.84
C LYS A 464 18.24 18.37 -4.16
N GLY A 465 18.31 17.30 -4.95
CA GLY A 465 18.62 16.00 -4.38
C GLY A 465 17.40 15.17 -4.03
N TYR A 466 16.21 15.71 -4.32
CA TYR A 466 14.96 15.02 -4.03
C TYR A 466 13.82 15.61 -4.87
N VAL A 467 12.68 14.92 -4.87
CA VAL A 467 11.49 15.40 -5.57
C VAL A 467 10.37 15.34 -4.53
N THR A 468 9.34 16.15 -4.72
CA THR A 468 8.24 16.19 -3.75
C THR A 468 6.87 16.05 -4.40
N THR A 469 5.87 15.76 -3.56
CA THR A 469 4.49 15.61 -4.02
C THR A 469 3.67 16.84 -3.65
N LEU A 470 2.41 16.82 -4.08
CA LEU A 470 1.45 17.88 -3.82
C LEU A 470 1.43 18.32 -2.35
N LEU A 471 1.41 17.36 -1.43
CA LEU A 471 1.36 17.69 0.00
C LEU A 471 2.71 17.68 0.71
N HIS A 472 3.79 17.85 -0.05
CA HIS A 472 5.14 17.95 0.49
C HIS A 472 5.86 16.68 0.96
N ARG A 473 5.38 15.53 0.52
CA ARG A 473 6.05 14.29 0.84
C ARG A 473 7.30 14.34 -0.03
N ARG A 474 8.40 13.75 0.40
CA ARG A 474 9.58 13.79 -0.45
C ARG A 474 10.30 12.46 -0.58
N ARG A 475 11.07 12.35 -1.66
CA ARG A 475 11.86 11.16 -1.91
C ARG A 475 13.24 11.58 -2.38
N TYR A 476 14.28 11.17 -1.66
CA TYR A 476 15.64 11.51 -2.04
C TYR A 476 16.11 10.58 -3.15
N LEU A 477 16.81 11.14 -4.14
CA LEU A 477 17.29 10.33 -5.25
C LEU A 477 18.80 10.53 -5.45
N PRO A 478 19.60 9.95 -4.54
CA PRO A 478 21.06 10.09 -4.66
C PRO A 478 21.65 9.48 -5.93
N ASP A 479 21.04 8.41 -6.44
CA ASP A 479 21.53 7.76 -7.66
C ASP A 479 21.36 8.63 -8.91
N ILE A 480 20.67 9.75 -8.78
CA ILE A 480 20.44 10.61 -9.92
C ILE A 480 21.74 11.20 -10.50
N THR A 481 22.83 11.13 -9.72
CA THR A 481 24.11 11.66 -10.17
C THR A 481 25.13 10.56 -10.47
N SER A 482 24.69 9.32 -10.44
CA SER A 482 25.58 8.19 -10.70
C SER A 482 26.09 8.22 -12.14
N ARG A 483 27.34 7.80 -12.35
CA ARG A 483 27.90 7.78 -13.69
C ARG A 483 27.57 6.47 -14.38
N ASN A 484 26.83 5.61 -13.68
CA ASN A 484 26.40 4.35 -14.25
C ASN A 484 25.04 4.60 -14.88
N PHE A 485 24.95 4.38 -16.18
CA PHE A 485 23.72 4.61 -16.93
C PHE A 485 22.46 3.92 -16.40
N ASN A 486 22.54 2.64 -16.04
CA ASN A 486 21.36 1.96 -15.54
C ASN A 486 20.89 2.50 -14.20
N VAL A 487 21.83 2.65 -13.27
CA VAL A 487 21.49 3.16 -11.96
C VAL A 487 20.92 4.58 -12.09
N ARG A 488 21.58 5.41 -12.89
CA ARG A 488 21.12 6.78 -13.08
C ARG A 488 19.74 6.83 -13.73
N SER A 489 19.55 6.04 -14.78
CA SER A 489 18.26 6.03 -15.49
C SER A 489 17.10 5.66 -14.57
N PHE A 490 17.32 4.67 -13.71
CA PHE A 490 16.27 4.22 -12.79
C PHE A 490 15.89 5.40 -11.90
N ALA A 491 16.90 6.10 -11.38
CA ALA A 491 16.64 7.24 -10.53
C ALA A 491 15.86 8.32 -11.29
N GLU A 492 16.17 8.50 -12.58
CA GLU A 492 15.46 9.50 -13.36
C GLU A 492 13.99 9.11 -13.52
N ARG A 493 13.70 7.83 -13.70
CA ARG A 493 12.32 7.37 -13.83
C ARG A 493 11.58 7.63 -12.51
N MET A 494 12.26 7.41 -11.38
CA MET A 494 11.64 7.65 -10.09
C MET A 494 11.35 9.13 -9.91
N ALA A 495 12.23 9.98 -10.44
CA ALA A 495 12.04 11.41 -10.33
C ALA A 495 10.78 11.81 -11.08
N MET A 496 10.58 11.21 -12.24
CA MET A 496 9.42 11.49 -13.06
C MET A 496 8.12 10.93 -12.49
N ASN A 497 8.17 9.72 -11.96
CA ASN A 497 6.98 9.04 -11.43
C ASN A 497 6.54 9.36 -10.00
N THR A 498 7.49 9.50 -9.08
CA THR A 498 7.15 9.77 -7.68
C THR A 498 6.19 10.95 -7.41
N PRO A 499 6.39 12.09 -8.09
CA PRO A 499 5.48 13.22 -7.84
C PRO A 499 4.04 12.89 -8.32
N ILE A 500 3.93 11.98 -9.29
CA ILE A 500 2.64 11.59 -9.83
C ILE A 500 1.95 10.56 -8.92
N GLN A 501 2.60 9.42 -8.73
CA GLN A 501 2.04 8.35 -7.89
C GLN A 501 1.92 8.86 -6.45
N GLY A 502 2.90 9.64 -6.01
CA GLY A 502 2.89 10.18 -4.66
C GLY A 502 1.79 11.20 -4.43
N SER A 503 1.56 12.10 -5.39
CA SER A 503 0.50 13.07 -5.22
C SER A 503 -0.87 12.38 -5.26
N ALA A 504 -0.97 11.29 -6.03
CA ALA A 504 -2.24 10.55 -6.10
C ALA A 504 -2.49 9.88 -4.74
N ALA A 505 -1.42 9.45 -4.06
CA ALA A 505 -1.54 8.82 -2.76
C ALA A 505 -2.01 9.85 -1.73
N ASP A 506 -1.42 11.04 -1.78
CA ASP A 506 -1.76 12.13 -0.87
C ASP A 506 -3.26 12.44 -1.00
N ILE A 507 -3.73 12.53 -2.24
CA ILE A 507 -5.13 12.85 -2.48
C ILE A 507 -6.12 11.86 -1.90
N ILE A 508 -5.90 10.58 -2.12
CA ILE A 508 -6.85 9.62 -1.57
C ILE A 508 -6.74 9.57 -0.04
N LYS A 509 -5.57 9.82 0.52
CA LYS A 509 -5.42 9.81 1.98
C LYS A 509 -6.22 10.97 2.56
N LYS A 510 -6.20 12.11 1.88
CA LYS A 510 -6.95 13.26 2.36
C LYS A 510 -8.44 12.97 2.17
N ALA A 511 -8.79 12.27 1.09
CA ALA A 511 -10.19 11.94 0.85
C ALA A 511 -10.71 11.06 1.99
N MET A 512 -9.88 10.11 2.43
CA MET A 512 -10.27 9.20 3.51
C MET A 512 -10.58 9.98 4.78
N ILE A 513 -9.71 10.93 5.11
CA ILE A 513 -9.90 11.75 6.29
C ILE A 513 -11.17 12.59 6.18
N ASP A 514 -11.35 13.25 5.03
CA ASP A 514 -12.55 14.07 4.84
C ASP A 514 -13.80 13.20 4.88
N LEU A 515 -13.72 12.00 4.33
CA LEU A 515 -14.88 11.12 4.29
C LEU A 515 -15.29 10.68 5.70
N ASN A 516 -14.31 10.32 6.51
CA ASN A 516 -14.59 9.88 7.88
C ASN A 516 -15.29 10.98 8.66
N ALA A 517 -14.86 12.22 8.46
CA ALA A 517 -15.47 13.33 9.17
C ALA A 517 -16.91 13.56 8.68
N ARG A 518 -17.14 13.39 7.38
CA ARG A 518 -18.48 13.59 6.84
C ARG A 518 -19.45 12.52 7.30
N LEU A 519 -18.98 11.28 7.36
CA LEU A 519 -19.83 10.18 7.79
C LEU A 519 -20.24 10.37 9.23
N LYS A 520 -19.37 10.96 10.04
CA LYS A 520 -19.66 11.19 11.44
C LYS A 520 -20.66 12.32 11.65
N GLU A 521 -20.48 13.44 10.96
CA GLU A 521 -21.42 14.54 11.13
C GLU A 521 -22.80 14.16 10.61
N GLU A 522 -22.85 13.25 9.64
CA GLU A 522 -24.12 12.79 9.07
C GLU A 522 -24.67 11.63 9.91
N ARG A 523 -23.86 11.15 10.85
CA ARG A 523 -24.22 10.03 11.70
C ARG A 523 -24.68 8.81 10.89
N LEU A 524 -23.93 8.50 9.83
CA LEU A 524 -24.24 7.33 9.01
C LEU A 524 -23.52 6.15 9.64
N GLN A 525 -24.09 4.96 9.49
CA GLN A 525 -23.45 3.78 10.05
C GLN A 525 -22.35 3.26 9.11
N ALA A 526 -22.37 3.72 7.87
CA ALA A 526 -21.38 3.29 6.88
C ALA A 526 -19.97 3.58 7.37
N HIS A 527 -19.04 2.68 7.03
CA HIS A 527 -17.66 2.90 7.44
C HIS A 527 -16.69 2.29 6.44
N LEU A 528 -15.48 2.83 6.42
CA LEU A 528 -14.43 2.36 5.55
C LEU A 528 -14.02 0.95 5.89
N LEU A 529 -13.75 0.16 4.86
CA LEU A 529 -13.29 -1.22 5.02
C LEU A 529 -11.90 -1.40 4.41
N LEU A 530 -11.70 -0.84 3.23
CA LEU A 530 -10.42 -0.97 2.55
C LEU A 530 -10.10 0.20 1.65
N GLN A 531 -8.82 0.32 1.34
CA GLN A 531 -8.34 1.32 0.39
C GLN A 531 -7.44 0.53 -0.54
N VAL A 532 -7.61 0.71 -1.83
CA VAL A 532 -6.79 0.01 -2.80
C VAL A 532 -6.14 1.01 -3.76
N HIS A 533 -5.27 1.86 -3.21
CA HIS A 533 -4.52 2.88 -3.96
C HIS A 533 -5.31 4.03 -4.56
N ASP A 534 -6.32 3.72 -5.38
CA ASP A 534 -7.14 4.79 -5.98
C ASP A 534 -8.62 4.52 -5.78
N GLU A 535 -8.95 3.57 -4.91
CA GLU A 535 -10.34 3.25 -4.64
C GLU A 535 -10.60 3.02 -3.17
N LEU A 536 -11.82 3.35 -2.74
CA LEU A 536 -12.23 3.16 -1.36
C LEU A 536 -13.41 2.20 -1.32
N ILE A 537 -13.35 1.24 -0.41
CA ILE A 537 -14.42 0.25 -0.26
C ILE A 537 -15.05 0.40 1.11
N LEU A 538 -16.38 0.55 1.14
CA LEU A 538 -17.14 0.71 2.37
C LEU A 538 -18.27 -0.31 2.44
N GLU A 539 -18.89 -0.43 3.61
CA GLU A 539 -20.04 -1.30 3.78
C GLU A 539 -21.01 -0.44 4.56
N ALA A 540 -22.30 -0.62 4.31
CA ALA A 540 -23.30 0.18 4.99
C ALA A 540 -24.68 -0.45 4.83
N PRO A 541 -25.65 -0.02 5.66
CA PRO A 541 -27.01 -0.56 5.56
C PRO A 541 -27.52 -0.23 4.17
N LYS A 542 -28.38 -1.08 3.62
CA LYS A 542 -28.90 -0.84 2.28
C LYS A 542 -29.64 0.49 2.23
N GLU A 543 -30.18 0.92 3.36
CA GLU A 543 -30.90 2.17 3.43
C GLU A 543 -30.03 3.42 3.30
N GLU A 544 -28.71 3.27 3.40
CA GLU A 544 -27.83 4.44 3.28
C GLU A 544 -27.22 4.58 1.89
N MET A 545 -27.48 3.60 1.03
CA MET A 545 -26.92 3.63 -0.33
C MET A 545 -27.19 4.90 -1.11
N GLU A 546 -28.44 5.33 -1.16
CA GLU A 546 -28.77 6.54 -1.91
C GLU A 546 -27.98 7.73 -1.40
N ARG A 547 -27.87 7.88 -0.08
CA ARG A 547 -27.10 9.00 0.45
C ARG A 547 -25.60 8.86 0.14
N LEU A 548 -25.06 7.65 0.22
CA LEU A 548 -23.63 7.44 -0.07
C LEU A 548 -23.31 7.69 -1.53
N CYS A 549 -24.25 7.41 -2.42
CA CYS A 549 -24.03 7.63 -3.85
C CYS A 549 -23.73 9.08 -4.16
N ARG A 550 -24.26 9.99 -3.34
CA ARG A 550 -24.01 11.40 -3.55
C ARG A 550 -22.85 11.89 -2.70
N LEU A 551 -22.78 11.39 -1.46
CA LEU A 551 -21.75 11.80 -0.52
C LEU A 551 -20.30 11.34 -0.80
N VAL A 552 -20.10 10.05 -1.01
CA VAL A 552 -18.75 9.57 -1.23
C VAL A 552 -18.05 10.20 -2.44
N PRO A 553 -18.70 10.20 -3.61
CA PRO A 553 -18.06 10.79 -4.79
C PRO A 553 -17.71 12.27 -4.60
N GLU A 554 -18.62 13.01 -3.98
CA GLU A 554 -18.41 14.44 -3.74
C GLU A 554 -17.18 14.67 -2.84
N VAL A 555 -17.09 13.92 -1.75
CA VAL A 555 -15.96 14.06 -0.84
C VAL A 555 -14.64 13.75 -1.58
N MET A 556 -14.65 12.66 -2.36
CA MET A 556 -13.45 12.26 -3.09
C MET A 556 -13.06 13.25 -4.19
N GLU A 557 -14.06 13.76 -4.89
CA GLU A 557 -13.82 14.72 -5.96
C GLU A 557 -13.32 16.05 -5.40
N GLN A 558 -13.72 16.39 -4.18
CA GLN A 558 -13.32 17.65 -3.58
C GLN A 558 -12.17 17.57 -2.58
N ALA A 559 -11.53 16.41 -2.48
CA ALA A 559 -10.41 16.26 -1.55
C ALA A 559 -9.37 17.38 -1.74
N VAL A 560 -9.03 17.66 -2.99
CA VAL A 560 -8.09 18.75 -3.31
C VAL A 560 -8.60 19.37 -4.61
N THR A 561 -8.14 20.58 -4.90
CA THR A 561 -8.56 21.26 -6.12
C THR A 561 -7.42 21.30 -7.10
N LEU A 562 -7.59 20.66 -8.25
CA LEU A 562 -6.55 20.63 -9.28
C LEU A 562 -6.98 21.51 -10.45
N ARG A 563 -6.11 21.64 -11.45
CA ARG A 563 -6.43 22.44 -12.63
C ARG A 563 -7.39 21.67 -13.54
N VAL A 564 -7.57 20.39 -13.24
CA VAL A 564 -8.50 19.57 -14.00
C VAL A 564 -9.43 18.95 -12.97
N PRO A 565 -10.61 18.50 -13.39
CA PRO A 565 -11.54 17.87 -12.44
C PRO A 565 -11.11 16.46 -12.05
N LEU A 566 -11.50 16.04 -10.85
CA LEU A 566 -11.22 14.68 -10.41
C LEU A 566 -12.53 13.93 -10.67
N LYS A 567 -12.43 12.75 -11.28
CA LYS A 567 -13.63 11.99 -11.59
C LYS A 567 -13.67 10.70 -10.79
N VAL A 568 -14.84 10.40 -10.23
CA VAL A 568 -15.04 9.22 -9.40
C VAL A 568 -16.21 8.36 -9.86
N ASP A 569 -15.98 7.07 -10.04
CA ASP A 569 -17.06 6.17 -10.43
C ASP A 569 -17.38 5.40 -9.16
N TYR A 570 -18.61 4.92 -9.03
CA TYR A 570 -18.99 4.19 -7.84
C TYR A 570 -20.02 3.12 -8.16
N HIS A 571 -20.01 2.05 -7.38
CA HIS A 571 -20.95 0.95 -7.59
C HIS A 571 -21.20 0.31 -6.24
N TYR A 572 -22.29 -0.44 -6.11
CA TYR A 572 -22.58 -1.11 -4.86
C TYR A 572 -23.34 -2.40 -5.12
N GLY A 573 -23.21 -3.36 -4.21
CA GLY A 573 -23.88 -4.63 -4.36
C GLY A 573 -23.77 -5.49 -3.11
N SER A 574 -24.32 -6.69 -3.19
CA SER A 574 -24.32 -7.62 -2.06
C SER A 574 -22.97 -8.23 -1.72
N THR A 575 -22.00 -8.07 -2.62
CA THR A 575 -20.64 -8.55 -2.38
C THR A 575 -19.68 -7.61 -3.10
N TRP A 576 -18.40 -7.70 -2.75
CA TRP A 576 -17.39 -6.86 -3.39
C TRP A 576 -17.40 -7.12 -4.90
N TYR A 577 -17.65 -8.36 -5.29
CA TYR A 577 -17.72 -8.73 -6.71
C TYR A 577 -18.83 -7.93 -7.40
N ASP A 578 -19.97 -7.80 -6.73
CA ASP A 578 -21.09 -7.07 -7.30
C ASP A 578 -20.95 -5.56 -7.27
N ALA A 579 -20.06 -5.05 -6.42
CA ALA A 579 -19.85 -3.61 -6.34
C ALA A 579 -19.11 -3.21 -7.60
N LYS A 580 -19.75 -3.48 -8.74
CA LYS A 580 -19.22 -3.19 -10.06
C LYS A 580 -20.35 -2.66 -10.94
C1 GLC D . 6.06 -4.93 11.38
C2 GLC D . 6.92 -6.12 10.86
C3 GLC D . 6.50 -6.30 9.26
C4 GLC D . 4.98 -6.65 9.17
C5 GLC D . 4.10 -5.58 9.91
C6 GLC D . 2.61 -5.98 10.08
O2 GLC D . 8.31 -5.79 10.92
O3 GLC D . 7.26 -7.38 8.76
O4 GLC D . 4.63 -6.76 7.79
O5 GLC D . 4.63 -5.32 11.27
O6 GLC D . 2.49 -7.19 10.82
C1 FRU D . 7.73 -2.39 12.19
C2 FRU D . 6.50 -2.39 11.24
C3 FRU D . 6.43 -1.21 10.25
C4 FRU D . 4.93 -1.01 10.07
C5 FRU D . 4.36 -1.37 11.47
C6 FRU D . 3.01 -2.10 11.50
O1 FRU D . 7.81 -1.20 12.99
O2 FRU D . 6.32 -3.71 10.60
O3 FRU D . 7.10 -1.44 9.00
O4 FRU D . 4.62 0.32 9.66
O5 FRU D . 5.36 -2.21 12.09
O6 FRU D . 2.73 -2.46 12.85
S SO4 E . -7.58 2.57 -18.33
O1 SO4 E . -8.59 2.68 -19.39
O2 SO4 E . -6.23 2.57 -18.93
O3 SO4 E . -7.77 1.30 -17.60
O4 SO4 E . -7.71 3.69 -17.39
S SO4 F . -21.05 17.24 15.77
O1 SO4 F . -22.42 17.64 16.15
O2 SO4 F . -20.81 15.85 16.21
O3 SO4 F . -20.90 17.33 14.30
O4 SO4 F . -20.08 18.15 16.42
S SO4 G . 20.16 8.05 34.57
O1 SO4 G . 19.68 6.86 33.85
O2 SO4 G . 21.49 8.43 34.08
O3 SO4 G . 19.22 9.18 34.35
O4 SO4 G . 20.24 7.75 36.01
#